data_2AM3
#
_entry.id   2AM3
#
_cell.length_a   40.628
_cell.length_b   82.492
_cell.length_c   102.250
_cell.angle_alpha   90.00
_cell.angle_beta   90.00
_cell.angle_gamma   90.00
#
_symmetry.space_group_name_H-M   'P 21 21 21'
#
loop_
_entity.id
_entity.type
_entity.pdbx_description
1 polymer 'Alpha-1,3-mannosyl-glycoprotein 2-beta-N-acetylglucosaminyltransferase'
2 non-polymer 'MANGANESE (II) ION'
3 non-polymer "URIDINE-5'-DIPHOSPHATE-GLUCOSE"
4 non-polymer GLYCEROL
5 water water
#
_entity_poly.entity_id   1
_entity_poly.type   'polypeptide(L)'
_entity_poly.pdbx_seq_one_letter_code
;AVIPILVIACDRSTVRRCLDKLLHYRPSAELFPIIVSQDCGHEETAQVIASYGSAVTHIRQPDLSNIAVQPDHRKFQGYY
KIARHYRWALGQIFHNFNYPAAVVVEDDLEVAPDFFEYFQATYPLLKADPSLWCVSAWNDNGKEQMVDSSKPELLYRTDF
FPGLGWLLLAELWAELEPKWPKAFWDDWMRRPEQRKGRACVRPEISRTMTFGRKGVSHGQFFDQHLKFIKLNQQFVPFTQ
LDLSYLQQEAYDRDFLARVYGAPQLQVEKVRTNDRKELGEVRVQYTGRDSFKAFAKALGVMDDLKSGVPRAGYRGIVTFL
FRGRRVHLAPPQTWDGYDPSWT
;
_entity_poly.pdbx_strand_id   A
#
# COMPACT_ATOMS: atom_id res chain seq x y z
N ALA A 1 18.51 12.55 3.44
CA ALA A 1 18.50 11.85 2.13
C ALA A 1 17.41 12.43 1.24
N VAL A 2 17.67 12.47 -0.06
CA VAL A 2 16.70 12.98 -1.00
C VAL A 2 15.81 11.80 -1.43
N ILE A 3 14.50 11.95 -1.22
CA ILE A 3 13.54 10.89 -1.55
C ILE A 3 12.62 11.39 -2.67
N PRO A 4 12.91 11.00 -3.92
CA PRO A 4 12.04 11.45 -5.01
C PRO A 4 10.68 10.79 -4.96
N ILE A 5 9.71 11.48 -5.54
CA ILE A 5 8.38 10.94 -5.67
C ILE A 5 8.33 10.57 -7.15
N LEU A 6 8.16 9.28 -7.45
CA LEU A 6 8.10 8.83 -8.84
C LEU A 6 6.63 8.62 -9.18
N VAL A 7 6.11 9.50 -10.03
CA VAL A 7 4.72 9.42 -10.48
C VAL A 7 4.70 8.64 -11.80
N ILE A 8 3.90 7.57 -11.83
CA ILE A 8 3.75 6.72 -13.01
C ILE A 8 2.51 7.18 -13.77
N ALA A 9 2.72 7.63 -15.01
CA ALA A 9 1.63 8.16 -15.84
C ALA A 9 1.57 7.46 -17.19
N CYS A 10 0.46 7.69 -17.90
CA CYS A 10 0.26 7.08 -19.22
C CYS A 10 -0.66 7.94 -20.12
N ASP A 11 -1.96 7.75 -19.99
CA ASP A 11 -2.88 8.46 -20.87
C ASP A 11 -4.11 9.08 -20.24
N ARG A 12 -4.00 9.42 -18.95
CA ARG A 12 -5.11 10.07 -18.24
C ARG A 12 -4.62 11.48 -17.90
N SER A 13 -5.33 12.48 -18.41
CA SER A 13 -4.96 13.87 -18.16
C SER A 13 -5.24 14.25 -16.72
N THR A 14 -5.93 13.37 -16.01
CA THR A 14 -6.25 13.62 -14.61
C THR A 14 -5.00 13.43 -13.75
N VAL A 15 -3.86 13.21 -14.38
CA VAL A 15 -2.62 13.12 -13.61
C VAL A 15 -2.49 14.53 -12.99
N ARG A 16 -3.22 15.50 -13.54
CA ARG A 16 -3.22 16.87 -13.04
C ARG A 16 -3.68 16.92 -11.58
N ARG A 17 -4.70 16.13 -11.24
CA ARG A 17 -5.19 16.12 -9.88
C ARG A 17 -4.11 15.57 -8.94
N CYS A 18 -3.42 14.51 -9.41
CA CYS A 18 -2.34 13.89 -8.64
C CYS A 18 -1.20 14.87 -8.39
N LEU A 19 -0.71 15.51 -9.44
CA LEU A 19 0.41 16.45 -9.32
C LEU A 19 0.02 17.69 -8.51
N ASP A 20 -1.21 18.17 -8.70
CA ASP A 20 -1.65 19.35 -7.96
C ASP A 20 -1.52 19.12 -6.45
N LYS A 21 -2.01 17.99 -5.98
CA LYS A 21 -1.94 17.68 -4.55
C LYS A 21 -0.52 17.46 -4.05
N LEU A 22 0.28 16.72 -4.81
CA LEU A 22 1.68 16.48 -4.44
C LEU A 22 2.46 17.79 -4.29
N LEU A 23 2.28 18.68 -5.27
CA LEU A 23 2.98 19.96 -5.29
C LEU A 23 2.48 20.90 -4.22
N HIS A 24 1.19 20.81 -3.91
CA HIS A 24 0.62 21.67 -2.89
C HIS A 24 1.15 21.35 -1.50
N TYR A 25 1.27 20.06 -1.18
CA TYR A 25 1.73 19.65 0.13
C TYR A 25 3.24 19.49 0.30
N ARG A 26 3.97 19.42 -0.80
CA ARG A 26 5.41 19.21 -0.72
C ARG A 26 6.07 20.26 0.16
N PRO A 27 6.73 19.81 1.25
CA PRO A 27 7.41 20.73 2.18
C PRO A 27 8.78 21.24 1.71
N SER A 28 9.38 20.54 0.76
CA SER A 28 10.70 20.89 0.23
C SER A 28 10.91 20.31 -1.16
N ALA A 29 11.27 21.16 -2.11
CA ALA A 29 11.54 20.72 -3.48
C ALA A 29 12.86 19.95 -3.52
N GLU A 30 13.81 20.37 -2.69
CA GLU A 30 15.13 19.73 -2.61
C GLU A 30 15.06 18.30 -2.07
N LEU A 31 14.30 18.11 -1.01
CA LEU A 31 14.20 16.79 -0.40
C LEU A 31 13.24 15.85 -1.11
N PHE A 32 12.27 16.40 -1.82
CA PHE A 32 11.28 15.59 -2.54
C PHE A 32 11.11 15.94 -4.00
N PRO A 33 12.15 15.70 -4.82
CA PRO A 33 11.99 16.02 -6.24
C PRO A 33 10.91 15.10 -6.81
N ILE A 34 10.09 15.65 -7.71
CA ILE A 34 9.01 14.88 -8.34
C ILE A 34 9.44 14.52 -9.75
N ILE A 35 9.45 13.23 -10.03
CA ILE A 35 9.84 12.74 -11.33
C ILE A 35 8.61 12.04 -11.90
N VAL A 36 8.10 12.56 -13.01
CA VAL A 36 6.92 11.94 -13.66
C VAL A 36 7.40 11.13 -14.85
N SER A 37 7.24 9.80 -14.77
CA SER A 37 7.62 8.91 -15.86
C SER A 37 6.32 8.62 -16.60
N GLN A 38 6.28 8.96 -17.89
CA GLN A 38 5.09 8.75 -18.68
C GLN A 38 5.32 7.67 -19.75
N ASP A 39 4.40 6.71 -19.79
CA ASP A 39 4.43 5.63 -20.77
C ASP A 39 3.38 6.03 -21.82
N CYS A 40 3.16 5.18 -22.81
CA CYS A 40 2.08 5.42 -23.75
C CYS A 40 2.16 6.51 -24.82
N GLY A 41 2.87 7.59 -24.56
CA GLY A 41 2.97 8.65 -25.57
C GLY A 41 1.71 9.45 -25.82
N HIS A 42 0.81 9.50 -24.85
CA HIS A 42 -0.45 10.25 -24.98
C HIS A 42 -0.13 11.75 -24.99
N GLU A 43 -0.34 12.40 -26.13
CA GLU A 43 -0.02 13.82 -26.28
C GLU A 43 -0.67 14.78 -25.27
N GLU A 44 -1.98 14.66 -25.06
CA GLU A 44 -2.63 15.55 -24.12
C GLU A 44 -2.06 15.41 -22.72
N THR A 45 -1.84 14.16 -22.29
CA THR A 45 -1.27 13.93 -20.97
C THR A 45 0.16 14.49 -20.93
N ALA A 46 0.89 14.35 -22.03
CA ALA A 46 2.25 14.86 -22.12
C ALA A 46 2.26 16.37 -21.94
N GLN A 47 1.28 17.04 -22.55
CA GLN A 47 1.17 18.49 -22.46
C GLN A 47 0.81 18.94 -21.05
N VAL A 48 -0.04 18.18 -20.39
CA VAL A 48 -0.43 18.50 -19.01
C VAL A 48 0.81 18.45 -18.11
N ILE A 49 1.57 17.36 -18.21
CA ILE A 49 2.78 17.21 -17.39
C ILE A 49 3.78 18.34 -17.70
N ALA A 50 4.01 18.58 -18.98
CA ALA A 50 4.95 19.61 -19.42
C ALA A 50 4.59 21.01 -18.92
N SER A 51 3.29 21.26 -18.73
CA SER A 51 2.83 22.57 -18.28
C SER A 51 3.29 22.91 -16.88
N TYR A 52 3.69 21.89 -16.11
CA TYR A 52 4.17 22.12 -14.74
C TYR A 52 5.58 22.68 -14.73
N GLY A 53 6.24 22.67 -15.89
CA GLY A 53 7.58 23.22 -15.99
C GLY A 53 8.61 22.59 -15.09
N SER A 54 9.43 23.41 -14.45
CA SER A 54 10.48 22.89 -13.59
C SER A 54 9.98 22.33 -12.25
N ALA A 55 8.68 22.41 -12.00
CA ALA A 55 8.16 21.86 -10.76
C ALA A 55 8.32 20.33 -10.79
N VAL A 56 8.46 19.76 -12.00
CA VAL A 56 8.64 18.32 -12.11
C VAL A 56 9.64 17.98 -13.19
N THR A 57 10.13 16.73 -13.16
CA THR A 57 11.05 16.24 -14.20
C THR A 57 10.22 15.21 -14.98
N HIS A 58 10.05 15.47 -16.27
CA HIS A 58 9.24 14.60 -17.12
C HIS A 58 10.13 13.67 -17.94
N ILE A 59 10.02 12.36 -17.72
CA ILE A 59 10.80 11.39 -18.47
C ILE A 59 9.81 10.49 -19.21
N ARG A 60 10.23 9.95 -20.34
CA ARG A 60 9.34 9.13 -21.15
C ARG A 60 9.85 7.73 -21.42
N GLN A 61 9.02 6.73 -21.13
CA GLN A 61 9.37 5.33 -21.37
C GLN A 61 9.62 5.26 -22.89
N PRO A 62 10.83 4.82 -23.28
CA PRO A 62 11.26 4.70 -24.68
C PRO A 62 10.68 3.66 -25.62
N ASP A 63 10.21 2.55 -25.08
CA ASP A 63 9.70 1.45 -25.90
C ASP A 63 8.18 1.34 -25.91
N LEU A 64 7.54 1.88 -26.95
CA LEU A 64 6.08 1.84 -27.03
C LEU A 64 5.54 0.71 -27.90
N SER A 65 6.39 -0.28 -28.15
CA SER A 65 5.98 -1.41 -28.98
C SER A 65 5.04 -2.32 -28.24
N ASN A 66 4.22 -3.06 -28.98
CA ASN A 66 3.31 -4.01 -28.35
C ASN A 66 4.13 -5.15 -27.80
N ILE A 67 3.63 -5.78 -26.75
CA ILE A 67 4.33 -6.86 -26.10
C ILE A 67 3.71 -8.21 -26.43
N ALA A 68 4.57 -9.19 -26.74
CA ALA A 68 4.10 -10.54 -27.05
C ALA A 68 3.74 -11.22 -25.74
N VAL A 69 2.46 -11.48 -25.52
CA VAL A 69 2.05 -12.10 -24.27
C VAL A 69 2.02 -13.62 -24.37
N GLN A 70 1.97 -14.28 -23.21
CA GLN A 70 1.90 -15.74 -23.17
C GLN A 70 0.50 -16.17 -23.58
N PRO A 71 0.31 -17.44 -23.95
CA PRO A 71 -1.00 -17.95 -24.38
C PRO A 71 -2.20 -17.77 -23.47
N ASP A 72 -1.94 -17.66 -22.16
CA ASP A 72 -3.03 -17.50 -21.21
C ASP A 72 -3.37 -16.02 -20.96
N HIS A 73 -2.66 -15.13 -21.65
CA HIS A 73 -2.82 -13.71 -21.42
C HIS A 73 -3.24 -12.78 -22.53
N ARG A 74 -4.00 -13.26 -23.51
CA ARG A 74 -4.41 -12.37 -24.58
C ARG A 74 -5.14 -11.12 -24.09
N LYS A 75 -5.98 -11.28 -23.08
CA LYS A 75 -6.75 -10.17 -22.52
C LYS A 75 -5.96 -9.27 -21.59
N PHE A 76 -4.71 -9.61 -21.33
CA PHE A 76 -3.95 -8.85 -20.34
C PHE A 76 -2.72 -8.09 -20.75
N GLN A 77 -2.68 -7.64 -22.00
CA GLN A 77 -1.55 -6.88 -22.54
C GLN A 77 -1.24 -5.64 -21.67
N GLY A 78 -2.27 -4.97 -21.15
CA GLY A 78 -2.04 -3.80 -20.32
C GLY A 78 -1.19 -4.08 -19.10
N TYR A 79 -1.35 -5.26 -18.50
CA TYR A 79 -0.56 -5.63 -17.32
C TYR A 79 0.91 -5.84 -17.67
N TYR A 80 1.16 -6.29 -18.90
CA TYR A 80 2.54 -6.46 -19.36
C TYR A 80 3.18 -5.09 -19.54
N LYS A 81 2.42 -4.14 -20.08
CA LYS A 81 2.92 -2.79 -20.31
C LYS A 81 3.23 -2.10 -18.98
N ILE A 82 2.35 -2.30 -17.99
CA ILE A 82 2.58 -1.69 -16.67
C ILE A 82 3.88 -2.24 -16.10
N ALA A 83 4.07 -3.56 -16.18
CA ALA A 83 5.30 -4.15 -15.64
C ALA A 83 6.54 -3.61 -16.33
N ARG A 84 6.48 -3.44 -17.65
CA ARG A 84 7.62 -2.92 -18.40
C ARG A 84 7.91 -1.49 -17.98
N HIS A 85 6.87 -0.68 -17.83
CA HIS A 85 7.07 0.71 -17.43
C HIS A 85 7.72 0.79 -16.04
N TYR A 86 7.22 0.02 -15.09
CA TYR A 86 7.80 0.04 -13.74
C TYR A 86 9.27 -0.30 -13.76
N ARG A 87 9.65 -1.31 -14.54
CA ARG A 87 11.06 -1.70 -14.60
C ARG A 87 11.93 -0.57 -15.13
N TRP A 88 11.44 0.10 -16.17
CA TRP A 88 12.19 1.19 -16.77
C TRP A 88 12.26 2.41 -15.85
N ALA A 89 11.10 2.82 -15.32
CA ALA A 89 11.03 4.00 -14.44
C ALA A 89 11.86 3.83 -13.18
N LEU A 90 11.69 2.69 -12.50
CA LEU A 90 12.46 2.44 -11.28
C LEU A 90 13.95 2.35 -11.62
N GLY A 91 14.25 1.81 -12.79
CA GLY A 91 15.64 1.73 -13.22
C GLY A 91 16.22 3.13 -13.39
N GLN A 92 15.40 4.06 -13.88
CA GLN A 92 15.84 5.44 -14.07
C GLN A 92 16.12 6.08 -12.71
N ILE A 93 15.22 5.84 -11.76
CA ILE A 93 15.37 6.41 -10.43
C ILE A 93 16.64 5.93 -9.72
N PHE A 94 16.90 4.63 -9.78
CA PHE A 94 18.03 4.07 -9.06
C PHE A 94 19.35 3.96 -9.82
N HIS A 95 19.28 3.88 -11.14
CA HIS A 95 20.48 3.77 -11.94
C HIS A 95 20.88 5.10 -12.56
N ASN A 96 19.93 5.81 -13.15
CA ASN A 96 20.22 7.07 -13.81
C ASN A 96 20.31 8.21 -12.80
N PHE A 97 19.24 8.46 -12.07
CA PHE A 97 19.24 9.53 -11.07
C PHE A 97 20.04 9.13 -9.82
N ASN A 98 20.20 7.83 -9.60
CA ASN A 98 20.94 7.27 -8.47
C ASN A 98 20.46 7.71 -7.07
N TYR A 99 19.15 7.71 -6.88
CA TYR A 99 18.57 8.08 -5.59
C TYR A 99 18.63 6.86 -4.69
N PRO A 100 18.68 7.07 -3.36
CA PRO A 100 18.75 6.04 -2.33
C PRO A 100 17.40 5.35 -2.04
N ALA A 101 16.31 5.98 -2.44
CA ALA A 101 14.98 5.45 -2.20
C ALA A 101 14.01 6.21 -3.08
N ALA A 102 12.78 5.74 -3.13
CA ALA A 102 11.76 6.43 -3.90
C ALA A 102 10.36 6.08 -3.41
N VAL A 103 9.44 7.02 -3.56
CA VAL A 103 8.05 6.80 -3.21
C VAL A 103 7.33 6.70 -4.56
N VAL A 104 6.73 5.54 -4.82
CA VAL A 104 6.03 5.31 -6.08
C VAL A 104 4.55 5.66 -5.95
N VAL A 105 4.08 6.53 -6.83
CA VAL A 105 2.71 7.03 -6.82
C VAL A 105 2.06 6.96 -8.21
N GLU A 106 1.01 6.17 -8.36
CA GLU A 106 0.34 6.10 -9.66
C GLU A 106 -0.44 7.40 -9.92
N ASP A 107 -0.61 7.75 -11.21
CA ASP A 107 -1.28 8.98 -11.61
C ASP A 107 -2.72 9.18 -11.16
N ASP A 108 -3.35 8.14 -10.63
CA ASP A 108 -4.73 8.29 -10.16
C ASP A 108 -4.86 8.24 -8.65
N LEU A 109 -3.78 8.63 -7.97
CA LEU A 109 -3.82 8.69 -6.51
C LEU A 109 -3.77 10.14 -6.05
N GLU A 110 -4.57 10.48 -5.05
CA GLU A 110 -4.52 11.80 -4.47
C GLU A 110 -3.88 11.58 -3.10
N VAL A 111 -2.88 12.40 -2.75
CA VAL A 111 -2.21 12.23 -1.46
C VAL A 111 -2.82 13.07 -0.34
N ALA A 112 -2.62 12.61 0.89
CA ALA A 112 -3.11 13.28 2.10
C ALA A 112 -2.19 14.47 2.46
N PRO A 113 -2.67 15.40 3.29
CA PRO A 113 -1.85 16.57 3.69
C PRO A 113 -0.53 16.18 4.34
N ASP A 114 -0.51 15.03 5.03
CA ASP A 114 0.70 14.59 5.70
C ASP A 114 1.44 13.44 5.02
N PHE A 115 1.25 13.33 3.71
CA PHE A 115 1.89 12.29 2.90
C PHE A 115 3.43 12.38 3.01
N PHE A 116 3.99 13.57 2.80
CA PHE A 116 5.45 13.71 2.87
C PHE A 116 5.97 13.56 4.29
N GLU A 117 5.24 14.11 5.26
CA GLU A 117 5.63 14.01 6.67
C GLU A 117 5.71 12.54 7.06
N TYR A 118 4.74 11.76 6.61
CA TYR A 118 4.68 10.32 6.89
C TYR A 118 5.91 9.57 6.37
N PHE A 119 6.26 9.76 5.11
CA PHE A 119 7.44 9.07 4.58
C PHE A 119 8.74 9.62 5.15
N GLN A 120 8.79 10.91 5.48
N GLN A 120 8.76 11.02 5.31
CA GLN A 120 9.99 11.50 6.07
CA GLN A 120 10.01 11.55 5.95
C GLN A 120 10.29 10.80 7.39
C GLN A 120 10.23 10.86 7.29
N ALA A 121 9.24 10.57 8.18
CA ALA A 121 9.39 9.94 9.48
C ALA A 121 9.66 8.44 9.46
N THR A 122 9.12 7.73 8.46
CA THR A 122 9.29 6.29 8.38
C THR A 122 10.50 5.82 7.58
N TYR A 123 11.08 6.69 6.75
CA TYR A 123 12.26 6.32 5.98
C TYR A 123 13.35 5.76 6.92
N PRO A 124 13.59 6.42 8.07
N PRO A 124 13.59 6.43 8.04
CA PRO A 124 14.61 5.91 8.98
CA PRO A 124 14.64 5.92 8.90
C PRO A 124 14.32 4.50 9.52
C PRO A 124 14.34 4.51 9.43
N LEU A 125 13.05 4.19 9.73
CA LEU A 125 12.67 2.86 10.21
C LEU A 125 12.99 1.83 9.15
N LEU A 126 12.59 2.13 7.92
CA LEU A 126 12.82 1.20 6.81
C LEU A 126 14.32 1.00 6.62
N LYS A 127 15.06 2.10 6.74
CA LYS A 127 16.50 2.03 6.57
C LYS A 127 17.15 1.20 7.68
N ALA A 128 16.57 1.19 8.88
CA ALA A 128 17.15 0.47 10.01
C ALA A 128 16.63 -0.93 10.37
N ASP A 129 15.48 -1.33 9.84
CA ASP A 129 14.91 -2.64 10.16
C ASP A 129 14.80 -3.48 8.87
N PRO A 130 15.71 -4.46 8.68
CA PRO A 130 15.71 -5.33 7.50
C PRO A 130 14.49 -6.22 7.37
N SER A 131 13.69 -6.31 8.41
CA SER A 131 12.48 -7.14 8.38
C SER A 131 11.35 -6.38 7.68
N LEU A 132 11.59 -5.10 7.40
CA LEU A 132 10.63 -4.29 6.67
C LEU A 132 11.17 -4.13 5.26
N TRP A 133 10.29 -4.15 4.26
CA TRP A 133 10.76 -3.95 2.91
C TRP A 133 10.01 -2.79 2.22
N CYS A 134 9.09 -2.18 2.97
CA CYS A 134 8.39 -1.02 2.43
C CYS A 134 7.54 -0.28 3.45
N VAL A 135 7.14 0.93 3.05
CA VAL A 135 6.25 1.73 3.87
C VAL A 135 5.16 2.09 2.86
N SER A 136 3.91 1.77 3.18
CA SER A 136 2.82 2.08 2.28
C SER A 136 1.87 3.10 2.90
N ALA A 137 1.25 3.91 2.05
CA ALA A 137 0.28 4.90 2.52
C ALA A 137 -1.13 4.29 2.59
N TRP A 138 -1.26 3.08 2.05
CA TRP A 138 -2.58 2.43 1.94
C TRP A 138 -3.06 1.44 3.01
N ASN A 139 -4.29 1.65 3.52
CA ASN A 139 -4.90 0.73 4.47
C ASN A 139 -5.95 -0.02 3.62
N ASP A 140 -5.70 -1.29 3.31
CA ASP A 140 -6.62 -2.08 2.48
C ASP A 140 -8.05 -2.16 3.02
N ASN A 141 -8.21 -1.99 4.34
CA ASN A 141 -9.55 -2.00 4.92
C ASN A 141 -9.88 -0.60 5.46
N GLY A 142 -9.35 0.41 4.80
CA GLY A 142 -9.52 1.79 5.23
C GLY A 142 -10.80 2.54 4.92
N LYS A 143 -11.95 1.85 4.89
CA LYS A 143 -13.21 2.52 4.63
C LYS A 143 -13.54 3.38 5.85
N GLU A 144 -14.26 4.47 5.67
CA GLU A 144 -14.55 5.39 6.76
C GLU A 144 -15.07 4.80 8.07
N GLN A 145 -16.02 3.88 7.98
CA GLN A 145 -16.56 3.30 9.19
C GLN A 145 -15.71 2.17 9.77
N MET A 146 -14.57 1.91 9.13
CA MET A 146 -13.69 0.87 9.63
C MET A 146 -12.37 1.39 10.20
N VAL A 147 -12.24 2.71 10.30
CA VAL A 147 -11.03 3.32 10.86
C VAL A 147 -11.38 4.24 12.03
N ASP A 148 -10.44 4.42 12.96
CA ASP A 148 -10.64 5.26 14.13
C ASP A 148 -10.15 6.66 13.80
N SER A 149 -11.08 7.56 13.51
CA SER A 149 -10.71 8.93 13.15
C SER A 149 -10.01 9.68 14.28
N SER A 150 -10.04 9.15 15.50
CA SER A 150 -9.38 9.81 16.62
C SER A 150 -7.93 9.35 16.78
N LYS A 151 -7.50 8.43 15.92
CA LYS A 151 -6.13 7.91 15.95
C LYS A 151 -5.50 8.02 14.56
N PRO A 152 -5.48 9.23 13.97
CA PRO A 152 -4.88 9.39 12.65
C PRO A 152 -3.37 9.12 12.68
N GLU A 153 -2.78 9.05 13.87
CA GLU A 153 -1.34 8.84 13.97
C GLU A 153 -0.93 7.37 14.07
N LEU A 154 -1.90 6.50 14.32
CA LEU A 154 -1.61 5.07 14.50
C LEU A 154 -1.14 4.31 13.27
N LEU A 155 -0.02 3.60 13.42
CA LEU A 155 0.57 2.82 12.32
C LEU A 155 0.67 1.35 12.72
N TYR A 156 0.79 0.49 11.70
CA TYR A 156 0.89 -0.95 11.88
C TYR A 156 1.94 -1.56 10.94
N ARG A 157 2.22 -2.84 11.15
CA ARG A 157 3.09 -3.58 10.25
C ARG A 157 2.05 -4.47 9.54
N THR A 158 2.36 -4.87 8.30
CA THR A 158 1.46 -5.75 7.55
C THR A 158 2.30 -6.65 6.66
N ASP A 159 1.89 -7.91 6.53
CA ASP A 159 2.59 -8.87 5.67
C ASP A 159 2.06 -8.73 4.25
N PHE A 160 0.93 -8.04 4.11
CA PHE A 160 0.34 -7.87 2.80
C PHE A 160 0.84 -6.56 2.16
N PHE A 161 1.63 -6.69 1.09
CA PHE A 161 2.16 -5.54 0.36
C PHE A 161 1.00 -4.76 -0.26
N PRO A 162 0.72 -3.54 0.25
CA PRO A 162 -0.40 -2.76 -0.29
C PRO A 162 -0.14 -1.94 -1.55
N GLY A 163 1.11 -1.55 -1.79
CA GLY A 163 1.39 -0.71 -2.94
C GLY A 163 0.65 0.60 -2.72
N LEU A 164 0.10 1.17 -3.79
CA LEU A 164 -0.69 2.39 -3.77
C LEU A 164 -0.11 3.51 -2.91
N GLY A 165 1.07 3.99 -3.31
CA GLY A 165 1.75 5.03 -2.57
C GLY A 165 2.72 4.33 -1.65
N TRP A 166 3.87 3.90 -2.20
CA TRP A 166 4.81 3.16 -1.37
C TRP A 166 6.27 3.50 -1.56
N LEU A 167 6.99 3.41 -0.45
CA LEU A 167 8.41 3.71 -0.37
C LEU A 167 9.26 2.42 -0.40
N LEU A 168 10.31 2.43 -1.22
CA LEU A 168 11.24 1.30 -1.27
C LEU A 168 12.66 1.86 -1.31
N LEU A 169 13.62 1.06 -0.86
CA LEU A 169 15.02 1.46 -0.86
C LEU A 169 15.70 0.96 -2.14
N ALA A 170 16.76 1.63 -2.56
CA ALA A 170 17.48 1.20 -3.73
C ALA A 170 17.95 -0.23 -3.48
N GLU A 171 18.22 -0.58 -2.22
CA GLU A 171 18.66 -1.93 -1.87
C GLU A 171 17.66 -2.98 -2.33
N LEU A 172 16.37 -2.67 -2.20
CA LEU A 172 15.34 -3.61 -2.61
C LEU A 172 15.24 -3.70 -4.12
N TRP A 173 15.39 -2.57 -4.81
CA TRP A 173 15.34 -2.60 -6.26
C TRP A 173 16.48 -3.46 -6.79
N ALA A 174 17.61 -3.45 -6.09
CA ALA A 174 18.76 -4.25 -6.53
C ALA A 174 18.40 -5.74 -6.48
N GLU A 175 17.53 -6.08 -5.53
CA GLU A 175 17.09 -7.43 -5.32
C GLU A 175 16.00 -7.87 -6.32
N LEU A 176 15.07 -6.98 -6.60
CA LEU A 176 13.97 -7.32 -7.49
C LEU A 176 14.18 -7.19 -8.99
N GLU A 177 14.99 -6.22 -9.41
CA GLU A 177 15.19 -5.97 -10.83
C GLU A 177 15.65 -7.14 -11.70
N PRO A 178 16.61 -7.94 -11.20
CA PRO A 178 17.13 -9.10 -11.95
C PRO A 178 16.08 -10.14 -12.29
N LYS A 179 15.01 -10.19 -11.49
CA LYS A 179 13.94 -11.16 -11.68
C LYS A 179 12.57 -10.53 -11.90
N TRP A 180 12.55 -9.25 -12.26
CA TRP A 180 11.29 -8.52 -12.47
C TRP A 180 10.41 -9.30 -13.44
N PRO A 181 9.13 -9.49 -13.10
CA PRO A 181 8.22 -10.25 -13.96
C PRO A 181 7.71 -9.58 -15.23
N LYS A 182 7.13 -10.39 -16.11
CA LYS A 182 6.58 -9.88 -17.36
C LYS A 182 5.21 -9.21 -17.16
N ALA A 183 4.52 -9.58 -16.09
CA ALA A 183 3.20 -8.99 -15.80
C ALA A 183 2.74 -9.22 -14.35
N PHE A 184 1.74 -8.45 -13.92
CA PHE A 184 1.17 -8.54 -12.57
C PHE A 184 2.26 -8.41 -11.50
N TRP A 185 3.01 -7.32 -11.60
CA TRP A 185 4.13 -7.10 -10.70
C TRP A 185 3.77 -7.04 -9.22
N ASP A 186 2.61 -6.50 -8.89
CA ASP A 186 2.22 -6.39 -7.48
C ASP A 186 1.88 -7.73 -6.85
N ASP A 187 1.21 -8.60 -7.59
CA ASP A 187 0.89 -9.90 -7.04
C ASP A 187 2.16 -10.75 -6.97
N TRP A 188 3.11 -10.47 -7.86
CA TRP A 188 4.40 -11.17 -7.88
C TRP A 188 5.20 -10.81 -6.62
N MET A 189 5.15 -9.53 -6.22
CA MET A 189 5.87 -9.13 -5.01
C MET A 189 5.23 -9.74 -3.76
N ARG A 190 3.95 -10.11 -3.87
CA ARG A 190 3.25 -10.69 -2.73
C ARG A 190 3.59 -12.16 -2.51
N ARG A 191 4.25 -12.76 -3.49
CA ARG A 191 4.64 -14.17 -3.33
C ARG A 191 5.77 -14.29 -2.31
N PRO A 192 5.85 -15.42 -1.60
CA PRO A 192 6.91 -15.57 -0.62
C PRO A 192 8.34 -15.54 -1.18
N GLU A 193 8.50 -15.96 -2.43
CA GLU A 193 9.81 -15.97 -3.09
C GLU A 193 10.37 -14.56 -3.16
N GLN A 194 9.48 -13.57 -3.20
CA GLN A 194 9.87 -12.17 -3.28
C GLN A 194 9.85 -11.51 -1.89
N ARG A 195 8.75 -11.70 -1.16
CA ARG A 195 8.59 -11.06 0.13
C ARG A 195 9.59 -11.52 1.18
N LYS A 196 9.86 -12.83 1.19
CA LYS A 196 10.80 -13.39 2.14
C LYS A 196 10.46 -13.03 3.59
N GLY A 197 9.17 -13.07 3.88
CA GLY A 197 8.66 -12.82 5.22
C GLY A 197 8.71 -11.38 5.70
N ARG A 198 9.11 -10.46 4.84
CA ARG A 198 9.22 -9.06 5.23
C ARG A 198 7.87 -8.34 5.25
N ALA A 199 7.80 -7.28 6.06
CA ALA A 199 6.58 -6.50 6.23
C ALA A 199 6.70 -5.09 5.72
N CYS A 200 5.56 -4.41 5.68
CA CYS A 200 5.52 -3.00 5.31
C CYS A 200 4.82 -2.30 6.47
N VAL A 201 5.06 -1.01 6.60
CA VAL A 201 4.37 -0.21 7.60
C VAL A 201 3.13 0.29 6.85
N ARG A 202 1.98 0.32 7.50
CA ARG A 202 0.77 0.85 6.87
C ARG A 202 0.01 1.63 7.96
N PRO A 203 -0.79 2.61 7.56
CA PRO A 203 -1.53 3.41 8.55
C PRO A 203 -2.98 3.00 8.84
N GLU A 204 -3.48 3.48 9.98
CA GLU A 204 -4.86 3.26 10.40
C GLU A 204 -5.74 4.00 9.38
N ILE A 205 -5.31 5.20 8.98
CA ILE A 205 -6.03 6.01 8.00
C ILE A 205 -5.10 6.24 6.80
N SER A 206 -5.54 5.75 5.64
N SER A 206 -5.76 5.96 5.49
CA SER A 206 -4.75 5.86 4.41
CA SER A 206 -4.81 5.96 4.38
C SER A 206 -4.26 7.27 4.05
C SER A 206 -4.27 7.35 4.08
N ARG A 207 -3.03 7.35 3.56
CA ARG A 207 -2.45 8.63 3.15
C ARG A 207 -2.57 8.85 1.63
N THR A 208 -3.33 7.97 0.98
CA THR A 208 -3.62 8.08 -0.45
C THR A 208 -5.04 7.55 -0.66
N MET A 209 -5.67 7.97 -1.75
N MET A 209 -5.65 8.16 -1.67
CA MET A 209 -7.01 7.54 -2.12
CA MET A 209 -6.88 7.56 -2.16
C MET A 209 -6.96 7.46 -3.64
C MET A 209 -6.79 7.40 -3.66
N THR A 210 -7.74 6.57 -4.25
CA THR A 210 -7.68 6.50 -5.70
C THR A 210 -8.98 7.01 -6.33
N PHE A 211 -8.83 7.72 -7.44
CA PHE A 211 -9.97 8.29 -8.16
C PHE A 211 -10.04 7.75 -9.60
N GLY A 212 -9.12 6.86 -9.94
CA GLY A 212 -9.07 6.28 -11.27
C GLY A 212 -10.05 5.14 -11.57
N ARG A 213 -11.33 5.48 -11.74
CA ARG A 213 -12.35 4.48 -12.05
C ARG A 213 -12.01 3.76 -13.36
N LYS A 214 -11.71 4.55 -14.40
CA LYS A 214 -11.34 4.02 -15.70
C LYS A 214 -9.83 3.79 -15.71
N GLY A 215 -9.41 2.56 -15.97
CA GLY A 215 -8.00 2.26 -15.98
C GLY A 215 -7.64 1.08 -16.88
N VAL A 216 -6.58 0.37 -16.51
CA VAL A 216 -6.16 -0.80 -17.28
C VAL A 216 -7.14 -1.91 -17.01
N SER A 217 -7.45 -2.07 -15.73
CA SER A 217 -8.37 -3.09 -15.27
C SER A 217 -9.81 -2.64 -15.42
N HIS A 218 -10.71 -3.63 -15.45
CA HIS A 218 -12.13 -3.34 -15.53
C HIS A 218 -12.42 -2.73 -14.15
N GLY A 219 -13.60 -2.15 -13.98
CA GLY A 219 -13.86 -1.48 -12.72
C GLY A 219 -14.51 -2.11 -11.51
N GLN A 220 -14.79 -3.42 -11.48
CA GLN A 220 -15.45 -3.95 -10.28
C GLN A 220 -14.67 -3.79 -8.98
N PHE A 221 -13.40 -4.16 -8.97
CA PHE A 221 -12.60 -4.04 -7.75
C PHE A 221 -12.57 -2.59 -7.27
N PHE A 222 -12.40 -1.64 -8.19
CA PHE A 222 -12.38 -0.23 -7.84
C PHE A 222 -13.76 0.21 -7.36
N ASP A 223 -14.79 -0.22 -8.08
CA ASP A 223 -16.16 0.16 -7.75
C ASP A 223 -16.68 -0.39 -6.44
N GLN A 224 -16.27 -1.60 -6.07
CA GLN A 224 -16.79 -2.18 -4.84
C GLN A 224 -15.88 -2.05 -3.63
N HIS A 225 -14.61 -1.76 -3.88
CA HIS A 225 -13.69 -1.66 -2.76
C HIS A 225 -12.79 -0.43 -2.73
N LEU A 226 -11.91 -0.33 -3.71
CA LEU A 226 -10.94 0.76 -3.73
C LEU A 226 -11.46 2.17 -3.57
N LYS A 227 -12.53 2.51 -4.29
CA LYS A 227 -13.06 3.85 -4.21
C LYS A 227 -13.59 4.26 -2.84
N PHE A 228 -13.74 3.31 -1.94
CA PHE A 228 -14.25 3.64 -0.61
C PHE A 228 -13.19 3.85 0.47
N ILE A 229 -11.92 3.70 0.13
CA ILE A 229 -10.85 3.92 1.12
C ILE A 229 -10.79 5.43 1.36
N LYS A 230 -10.92 5.83 2.61
CA LYS A 230 -10.94 7.24 3.04
C LYS A 230 -9.57 7.90 3.16
N LEU A 231 -9.44 9.10 2.58
CA LEU A 231 -8.18 9.84 2.64
C LEU A 231 -8.04 10.58 3.95
N ASN A 232 -6.88 10.46 4.60
CA ASN A 232 -6.68 11.18 5.86
C ASN A 232 -6.68 12.68 5.58
N GLN A 233 -7.33 13.45 6.44
CA GLN A 233 -7.34 14.88 6.25
C GLN A 233 -6.78 15.63 7.46
N GLN A 234 -6.45 14.92 8.52
CA GLN A 234 -5.90 15.53 9.74
C GLN A 234 -4.39 15.40 9.74
N PHE A 235 -3.66 16.51 9.60
CA PHE A 235 -2.20 16.45 9.57
C PHE A 235 -1.62 15.92 10.87
N VAL A 236 -0.83 14.85 10.76
CA VAL A 236 -0.16 14.26 11.91
C VAL A 236 1.32 14.53 11.72
N PRO A 237 2.00 15.10 12.75
CA PRO A 237 3.43 15.40 12.65
C PRO A 237 4.26 14.18 13.01
N PHE A 238 4.24 13.19 12.12
CA PHE A 238 4.97 11.96 12.35
C PHE A 238 6.43 12.14 12.72
N THR A 239 7.09 13.14 12.14
CA THR A 239 8.51 13.35 12.44
C THR A 239 8.74 13.77 13.90
N GLN A 240 7.66 14.10 14.61
CA GLN A 240 7.77 14.50 16.01
C GLN A 240 7.38 13.36 16.96
N LEU A 241 6.94 12.25 16.39
CA LEU A 241 6.49 11.11 17.19
C LEU A 241 7.55 10.02 17.38
N ASP A 242 7.36 9.19 18.40
CA ASP A 242 8.26 8.09 18.66
C ASP A 242 7.71 6.86 17.94
N LEU A 243 8.29 6.53 16.79
CA LEU A 243 7.79 5.40 16.03
C LEU A 243 8.57 4.11 16.31
N SER A 244 9.28 4.09 17.43
CA SER A 244 10.07 2.90 17.78
C SER A 244 9.20 1.66 18.00
N TYR A 245 7.91 1.85 18.27
CA TYR A 245 7.02 0.72 18.50
C TYR A 245 6.85 -0.17 17.25
N LEU A 246 7.28 0.35 16.10
CA LEU A 246 7.16 -0.40 14.83
C LEU A 246 8.34 -1.33 14.56
N GLN A 247 9.41 -1.21 15.33
CA GLN A 247 10.56 -2.11 15.15
C GLN A 247 10.06 -3.52 15.45
N GLN A 248 10.49 -4.50 14.65
CA GLN A 248 10.03 -5.85 14.84
C GLN A 248 10.08 -6.41 16.26
N GLU A 249 11.19 -6.18 16.97
CA GLU A 249 11.35 -6.70 18.33
C GLU A 249 10.33 -6.15 19.31
N ALA A 250 9.88 -4.92 19.08
CA ALA A 250 8.89 -4.32 19.96
C ALA A 250 7.48 -4.72 19.51
N TYR A 251 7.21 -4.59 18.22
CA TYR A 251 5.91 -4.91 17.67
C TYR A 251 5.43 -6.33 17.91
N ASP A 252 6.29 -7.30 17.58
CA ASP A 252 5.93 -8.70 17.74
C ASP A 252 5.72 -9.14 19.18
N ARG A 253 6.24 -8.36 20.11
CA ARG A 253 6.06 -8.70 21.51
C ARG A 253 4.80 -8.00 22.00
N ASP A 254 4.79 -6.68 21.84
CA ASP A 254 3.69 -5.86 22.31
C ASP A 254 2.37 -5.96 21.54
N PHE A 255 2.41 -5.81 20.23
CA PHE A 255 1.17 -5.88 19.47
C PHE A 255 0.53 -7.27 19.55
N LEU A 256 1.35 -8.32 19.47
CA LEU A 256 0.81 -9.66 19.54
C LEU A 256 0.25 -9.97 20.93
N ALA A 257 0.87 -9.39 21.96
CA ALA A 257 0.40 -9.62 23.33
C ALA A 257 -0.96 -8.95 23.49
N ARG A 258 -1.09 -7.79 22.85
CA ARG A 258 -2.32 -7.03 22.89
C ARG A 258 -3.44 -7.81 22.21
N VAL A 259 -3.14 -8.35 21.03
CA VAL A 259 -4.11 -9.11 20.26
C VAL A 259 -4.59 -10.36 21.01
N TYR A 260 -3.65 -11.17 21.45
CA TYR A 260 -4.02 -12.40 22.12
C TYR A 260 -4.43 -12.22 23.58
N GLY A 261 -4.20 -11.02 24.11
CA GLY A 261 -4.60 -10.72 25.47
C GLY A 261 -6.04 -10.21 25.44
N ALA A 262 -6.51 -9.83 24.26
CA ALA A 262 -7.87 -9.34 24.10
C ALA A 262 -8.88 -10.48 24.20
N PRO A 263 -10.06 -10.21 24.78
CA PRO A 263 -11.09 -11.24 24.91
C PRO A 263 -11.63 -11.67 23.55
N GLN A 264 -11.93 -12.95 23.42
CA GLN A 264 -12.48 -13.50 22.19
C GLN A 264 -13.99 -13.25 22.24
N LEU A 265 -14.60 -12.90 21.11
CA LEU A 265 -16.04 -12.66 21.07
C LEU A 265 -16.60 -13.26 19.78
N GLN A 266 -17.73 -13.95 19.88
CA GLN A 266 -18.31 -14.56 18.69
C GLN A 266 -18.64 -13.52 17.64
N VAL A 267 -18.34 -13.83 16.38
CA VAL A 267 -18.57 -12.90 15.30
C VAL A 267 -19.97 -12.30 15.28
N GLU A 268 -20.98 -13.11 15.61
CA GLU A 268 -22.35 -12.62 15.63
C GLU A 268 -22.57 -11.51 16.66
N LYS A 269 -21.90 -11.61 17.81
CA LYS A 269 -22.01 -10.60 18.85
C LYS A 269 -21.33 -9.31 18.40
N VAL A 270 -20.21 -9.44 17.69
CA VAL A 270 -19.51 -8.26 17.19
C VAL A 270 -20.42 -7.57 16.16
N ARG A 271 -20.95 -8.39 15.26
CA ARG A 271 -21.80 -7.92 14.18
C ARG A 271 -23.03 -7.17 14.69
N THR A 272 -23.68 -7.71 15.72
CA THR A 272 -24.88 -7.08 16.26
C THR A 272 -24.56 -6.04 17.31
N ASN A 273 -23.27 -5.86 17.58
CA ASN A 273 -22.81 -4.89 18.56
C ASN A 273 -23.24 -5.26 19.98
N ASP A 274 -23.05 -6.54 20.33
CA ASP A 274 -23.36 -7.04 21.67
C ASP A 274 -22.12 -6.82 22.52
N ARG A 275 -22.28 -6.93 23.83
CA ARG A 275 -21.16 -6.78 24.75
C ARG A 275 -20.31 -5.56 24.45
N LYS A 276 -20.92 -4.39 24.34
CA LYS A 276 -20.17 -3.17 24.04
C LYS A 276 -19.15 -2.74 25.08
N GLU A 277 -19.20 -3.33 26.28
CA GLU A 277 -18.24 -2.96 27.30
C GLU A 277 -16.85 -3.43 26.84
N LEU A 278 -16.84 -4.35 25.86
CA LEU A 278 -15.59 -4.87 25.33
C LEU A 278 -15.18 -4.02 24.14
N GLY A 279 -14.39 -2.98 24.40
CA GLY A 279 -13.95 -2.09 23.34
C GLY A 279 -12.93 -2.63 22.34
N GLU A 280 -12.29 -3.73 22.68
CA GLU A 280 -11.29 -4.34 21.80
C GLU A 280 -11.40 -5.84 21.99
N VAL A 281 -11.68 -6.54 20.89
CA VAL A 281 -11.86 -7.99 20.94
C VAL A 281 -11.13 -8.72 19.82
N ARG A 282 -11.13 -10.04 19.95
CA ARG A 282 -10.52 -10.91 18.96
C ARG A 282 -11.61 -11.82 18.43
N VAL A 283 -11.69 -11.96 17.10
CA VAL A 283 -12.65 -12.87 16.50
C VAL A 283 -11.69 -13.89 15.90
N GLN A 284 -11.71 -15.12 16.42
CA GLN A 284 -10.79 -16.14 15.93
C GLN A 284 -11.34 -16.98 14.78
N TYR A 285 -10.49 -17.17 13.76
CA TYR A 285 -10.88 -18.02 12.63
C TYR A 285 -9.91 -19.21 12.71
N THR A 286 -10.35 -20.37 12.22
CA THR A 286 -9.53 -21.57 12.31
C THR A 286 -9.24 -22.23 10.98
N GLY A 287 -9.85 -21.74 9.92
CA GLY A 287 -9.64 -22.31 8.61
C GLY A 287 -9.91 -21.29 7.54
N ARG A 288 -9.78 -21.69 6.28
CA ARG A 288 -10.01 -20.78 5.18
C ARG A 288 -11.49 -20.43 5.06
N ASP A 289 -12.37 -21.39 5.37
CA ASP A 289 -13.79 -21.11 5.29
C ASP A 289 -14.27 -20.17 6.40
N SER A 290 -13.77 -20.37 7.63
CA SER A 290 -14.16 -19.47 8.72
C SER A 290 -13.58 -18.07 8.46
N PHE A 291 -12.38 -18.00 7.89
CA PHE A 291 -11.80 -16.68 7.62
C PHE A 291 -12.66 -15.88 6.63
N LYS A 292 -12.99 -16.50 5.49
CA LYS A 292 -13.77 -15.78 4.49
C LYS A 292 -15.16 -15.45 5.02
N ALA A 293 -15.73 -16.38 5.78
CA ALA A 293 -17.05 -16.19 6.36
C ALA A 293 -17.05 -14.99 7.31
N PHE A 294 -16.12 -15.00 8.26
CA PHE A 294 -16.03 -13.93 9.25
C PHE A 294 -15.61 -12.59 8.63
N ALA A 295 -14.70 -12.63 7.66
CA ALA A 295 -14.27 -11.41 6.98
C ALA A 295 -15.46 -10.74 6.32
N LYS A 296 -16.21 -11.52 5.54
CA LYS A 296 -17.38 -11.00 4.85
C LYS A 296 -18.45 -10.51 5.85
N ALA A 297 -18.63 -11.24 6.95
CA ALA A 297 -19.62 -10.88 7.95
C ALA A 297 -19.32 -9.52 8.59
N LEU A 298 -18.04 -9.19 8.68
CA LEU A 298 -17.63 -7.93 9.30
C LEU A 298 -17.24 -6.83 8.32
N GLY A 299 -17.42 -7.10 7.03
CA GLY A 299 -17.13 -6.10 6.01
C GLY A 299 -15.67 -5.88 5.64
N VAL A 300 -14.84 -6.87 5.96
CA VAL A 300 -13.41 -6.80 5.69
C VAL A 300 -13.11 -7.46 4.34
N MET A 301 -12.05 -7.00 3.66
CA MET A 301 -11.65 -7.60 2.38
C MET A 301 -11.40 -9.07 2.66
N ASP A 302 -11.99 -9.95 1.85
CA ASP A 302 -11.84 -11.38 2.08
C ASP A 302 -10.98 -12.17 1.10
N ASP A 303 -10.30 -11.49 0.18
CA ASP A 303 -9.47 -12.22 -0.76
C ASP A 303 -8.09 -12.43 -0.15
N LEU A 304 -7.34 -13.39 -0.68
CA LEU A 304 -6.02 -13.66 -0.17
C LEU A 304 -4.99 -13.72 -1.31
N LYS A 305 -3.77 -13.24 -1.05
CA LYS A 305 -2.74 -13.31 -2.08
C LYS A 305 -1.61 -14.13 -1.49
N SER A 306 -1.33 -15.28 -2.12
CA SER A 306 -0.33 -16.21 -1.62
C SER A 306 -0.64 -16.55 -0.16
N GLY A 307 -1.92 -16.67 0.14
CA GLY A 307 -2.36 -17.04 1.48
C GLY A 307 -2.41 -15.91 2.50
N VAL A 308 -2.03 -14.71 2.09
CA VAL A 308 -2.01 -13.58 3.03
C VAL A 308 -3.26 -12.72 2.91
N PRO A 309 -3.94 -12.43 4.04
CA PRO A 309 -5.14 -11.61 3.97
C PRO A 309 -4.78 -10.13 3.86
N ARG A 310 -5.68 -9.34 3.32
CA ARG A 310 -5.46 -7.89 3.16
C ARG A 310 -5.17 -7.25 4.51
N ALA A 311 -4.08 -6.49 4.58
CA ALA A 311 -3.63 -5.81 5.81
C ALA A 311 -3.30 -6.80 6.93
N GLY A 312 -3.13 -8.06 6.59
CA GLY A 312 -2.85 -9.02 7.63
C GLY A 312 -1.42 -8.98 8.15
N TYR A 313 -1.25 -9.33 9.43
CA TYR A 313 0.07 -9.42 10.04
C TYR A 313 0.03 -10.67 10.91
N ARG A 314 0.85 -11.67 10.57
CA ARG A 314 0.83 -12.95 11.28
C ARG A 314 -0.62 -13.45 11.28
N GLY A 315 -1.28 -13.24 10.14
CA GLY A 315 -2.65 -13.67 9.96
C GLY A 315 -3.74 -12.82 10.58
N ILE A 316 -3.34 -11.81 11.34
CA ILE A 316 -4.28 -10.93 12.03
C ILE A 316 -4.68 -9.71 11.19
N VAL A 317 -5.98 -9.50 11.05
CA VAL A 317 -6.50 -8.34 10.33
C VAL A 317 -7.14 -7.47 11.40
N THR A 318 -6.64 -6.24 11.51
CA THR A 318 -7.11 -5.30 12.53
C THR A 318 -7.91 -4.17 11.92
N PHE A 319 -9.05 -3.86 12.52
CA PHE A 319 -9.92 -2.83 11.99
C PHE A 319 -10.91 -2.38 13.04
N LEU A 320 -11.73 -1.40 12.68
CA LEU A 320 -12.77 -0.90 13.56
C LEU A 320 -14.12 -1.38 13.01
N PHE A 321 -15.01 -1.79 13.92
CA PHE A 321 -16.34 -2.24 13.52
C PHE A 321 -17.37 -1.65 14.47
N ARG A 322 -18.13 -0.69 13.98
CA ARG A 322 -19.15 -0.05 14.80
C ARG A 322 -18.53 0.51 16.07
N GLY A 323 -17.37 1.12 15.91
CA GLY A 323 -16.67 1.74 17.02
C GLY A 323 -15.86 0.83 17.91
N ARG A 324 -15.77 -0.45 17.57
CA ARG A 324 -15.01 -1.39 18.38
C ARG A 324 -13.75 -1.83 17.65
N ARG A 325 -12.67 -2.05 18.38
CA ARG A 325 -11.42 -2.50 17.78
C ARG A 325 -11.55 -4.01 17.68
N VAL A 326 -11.41 -4.52 16.46
CA VAL A 326 -11.54 -5.94 16.24
C VAL A 326 -10.29 -6.50 15.61
N HIS A 327 -9.87 -7.66 16.11
CA HIS A 327 -8.71 -8.35 15.56
C HIS A 327 -9.24 -9.69 15.05
N LEU A 328 -9.33 -9.84 13.72
CA LEU A 328 -9.76 -11.10 13.11
C LEU A 328 -8.44 -11.85 13.07
N ALA A 329 -8.31 -12.85 13.93
CA ALA A 329 -7.05 -13.56 14.06
C ALA A 329 -7.14 -15.08 14.10
N PRO A 330 -6.01 -15.74 13.81
CA PRO A 330 -5.90 -17.20 13.81
C PRO A 330 -5.53 -17.59 15.24
N PRO A 331 -5.51 -18.90 15.56
CA PRO A 331 -5.15 -19.29 16.92
C PRO A 331 -3.71 -18.88 17.12
N GLN A 332 -3.29 -18.71 18.38
CA GLN A 332 -1.93 -18.28 18.65
C GLN A 332 -0.88 -19.29 18.21
N THR A 333 -1.32 -20.44 17.73
CA THR A 333 -0.41 -21.47 17.24
C THR A 333 0.01 -21.18 15.80
N TRP A 334 -0.47 -20.05 15.26
CA TRP A 334 -0.14 -19.64 13.89
C TRP A 334 1.37 -19.65 13.70
N ASP A 335 1.83 -20.14 12.56
CA ASP A 335 3.26 -20.17 12.30
C ASP A 335 3.51 -20.24 10.81
N GLY A 336 2.99 -19.26 10.08
CA GLY A 336 3.21 -19.24 8.64
C GLY A 336 1.95 -19.22 7.78
N TYR A 337 2.10 -18.62 6.60
CA TYR A 337 1.02 -18.53 5.65
C TYR A 337 1.01 -19.74 4.72
N ASP A 338 -0.19 -20.13 4.30
CA ASP A 338 -0.40 -21.27 3.41
C ASP A 338 -0.95 -20.74 2.08
N PRO A 339 -0.14 -20.76 1.01
N PRO A 339 -0.17 -20.70 1.00
CA PRO A 339 -0.61 -20.26 -0.28
CA PRO A 339 -0.57 -20.20 -0.33
C PRO A 339 -1.83 -20.97 -0.87
C PRO A 339 -1.79 -20.93 -0.91
N SER A 340 -2.18 -22.15 -0.33
CA SER A 340 -3.34 -22.87 -0.84
C SER A 340 -4.65 -22.29 -0.34
N TRP A 341 -4.56 -21.31 0.57
CA TRP A 341 -5.76 -20.64 1.06
C TRP A 341 -6.00 -19.64 -0.04
N THR A 342 -6.93 -19.97 -0.94
CA THR A 342 -7.19 -19.13 -2.09
C THR A 342 -8.54 -18.45 -2.04
#